data_4Z0P
#
_entry.id   4Z0P
#
_cell.length_a   108.099
_cell.length_b   108.099
_cell.length_c   80.226
_cell.angle_alpha   90.000
_cell.angle_beta   90.000
_cell.angle_gamma   120.000
#
_symmetry.space_group_name_H-M   'P 32 2 1'
#
loop_
_entity.id
_entity.type
_entity.pdbx_description
1 polymer 'NAD-dependent dehydrogenase'
2 non-polymer 'CHLORIDE ION'
3 non-polymer 'OXALIC ACID'
4 non-polymer '4-(2-HYDROXYETHYL)-1-PIPERAZINE ETHANESULFONIC ACID'
5 non-polymer GLYCEROL
6 non-polymer 'NADPH DIHYDRO-NICOTINAMIDE-ADENINE-DINUCLEOTIDE PHOSPHATE'
7 water water
#
_entity_poly.entity_id   1
_entity_poly.type   'polypeptide(L)'
_entity_poly.pdbx_seq_one_letter_code
;SMPAKSPVIVDLKFIPEEVEAALAGAFPGREVIDLADPAHQERDLSGIDYAVVWKSAPDLFSRAPDLKVVFSGGAGVDHV
LTLPGLPDVPLVRFVDRTLTTRMSEWVMMQCLLHLRQHRAYEALAKKHEWRDLSQPEAADVTVGIMGMGVLGQDAARKLA
AMGFKVIGWSRSKRVIEGVETYDAAGLDAFLGRTDFLVGLLPLTPDTRGIFNAALFAKLSRNGPFGAPVFINAGRGGSQV
EADILECLDSGVLGGASLDVFEREPLSPESRFWDMPNVYVTPHVAASSDVRALFVHVEHQIARFESGLPLEHVVDKVAGY
;
_entity_poly.pdbx_strand_id   A
#
loop_
_chem_comp.id
_chem_comp.type
_chem_comp.name
_chem_comp.formula
CL non-polymer 'CHLORIDE ION' 'Cl -1'
EPE non-polymer '4-(2-HYDROXYETHYL)-1-PIPERAZINE ETHANESULFONIC ACID' 'C8 H18 N2 O4 S'
GOL non-polymer GLYCEROL 'C3 H8 O3'
NDP non-polymer 'NADPH DIHYDRO-NICOTINAMIDE-ADENINE-DINUCLEOTIDE PHOSPHATE' 'C21 H30 N7 O17 P3'
OXD non-polymer 'OXALIC ACID' 'C2 H2 O4'
#
# COMPACT_ATOMS: atom_id res chain seq x y z
N LYS A 5 19.73 26.82 11.72
CA LYS A 5 19.13 25.46 11.69
C LYS A 5 19.18 24.90 10.28
N SER A 6 19.30 23.57 10.16
CA SER A 6 19.30 22.97 8.85
C SER A 6 17.98 23.23 8.13
N PRO A 7 18.06 23.58 6.84
CA PRO A 7 16.84 23.49 6.02
C PRO A 7 16.30 22.07 5.92
N VAL A 8 15.10 21.97 5.36
CA VAL A 8 14.48 20.68 5.05
C VAL A 8 14.17 20.70 3.58
N ILE A 9 14.70 19.72 2.87
CA ILE A 9 14.39 19.54 1.44
C ILE A 9 13.09 18.73 1.34
N VAL A 10 12.19 19.22 0.48
CA VAL A 10 10.92 18.54 0.18
C VAL A 10 10.93 18.23 -1.32
N ASP A 11 10.93 16.93 -1.64
CA ASP A 11 10.91 16.46 -3.04
C ASP A 11 9.89 15.35 -3.16
N LEU A 12 8.62 15.75 -3.22
CA LEU A 12 7.49 14.84 -3.14
C LEU A 12 6.64 14.90 -4.38
N LYS A 13 6.56 13.79 -5.11
CA LYS A 13 5.74 13.73 -6.30
C LYS A 13 4.32 13.36 -5.87
N PHE A 14 3.66 14.31 -5.21
CA PHE A 14 2.28 14.20 -4.77
C PHE A 14 1.49 15.25 -5.55
N ILE A 15 0.19 15.33 -5.31
CA ILE A 15 -0.63 16.41 -5.90
C ILE A 15 -0.05 17.76 -5.46
N PRO A 16 0.39 18.61 -6.43
CA PRO A 16 1.14 19.82 -6.04
C PRO A 16 0.41 20.76 -5.11
N GLU A 17 -0.89 20.95 -5.34
CA GLU A 17 -1.71 21.83 -4.51
C GLU A 17 -1.71 21.37 -3.05
N GLU A 18 -1.65 20.05 -2.81
CA GLU A 18 -1.61 19.53 -1.43
C GLU A 18 -0.28 19.83 -0.74
N VAL A 19 0.81 19.68 -1.48
CA VAL A 19 2.14 19.96 -0.91
C VAL A 19 2.25 21.47 -0.61
N GLU A 20 1.86 22.28 -1.59
CA GLU A 20 1.91 23.74 -1.44
C GLU A 20 1.11 24.21 -0.25
N ALA A 21 -0.12 23.72 -0.11
CA ALA A 21 -0.96 24.04 1.04
C ALA A 21 -0.34 23.68 2.37
N ALA A 22 0.33 22.52 2.44
CA ALA A 22 0.94 22.05 3.69
C ALA A 22 2.23 22.80 4.07
N LEU A 23 2.87 23.47 3.11
CA LEU A 23 4.14 24.18 3.37
C LEU A 23 3.99 25.33 4.34
N ALA A 24 2.81 25.97 4.33
CA ALA A 24 2.50 27.11 5.22
C ALA A 24 2.61 26.73 6.69
N GLY A 25 3.55 27.34 7.39
CA GLY A 25 3.78 27.03 8.80
C GLY A 25 4.47 25.70 9.07
N ALA A 26 4.90 24.97 8.05
CA ALA A 26 5.62 23.73 8.25
C ALA A 26 7.04 24.05 8.69
N PHE A 27 7.63 23.17 9.50
CA PHE A 27 9.04 23.25 9.92
C PHE A 27 9.41 24.65 10.44
N PRO A 28 8.75 25.11 11.50
CA PRO A 28 8.98 26.48 11.95
C PRO A 28 10.46 26.70 12.30
N GLY A 29 11.00 27.83 11.87
CA GLY A 29 12.40 28.16 12.15
C GLY A 29 13.41 27.59 11.16
N ARG A 30 12.95 26.82 10.17
CA ARG A 30 13.83 26.23 9.15
C ARG A 30 13.40 26.69 7.77
N GLU A 31 14.36 26.88 6.90
CA GLU A 31 14.08 27.10 5.50
C GLU A 31 13.57 25.78 4.92
N VAL A 32 12.48 25.84 4.14
CA VAL A 32 11.92 24.67 3.47
C VAL A 32 12.20 24.87 1.99
N ILE A 33 12.83 23.88 1.36
CA ILE A 33 13.26 23.97 -0.03
C ILE A 33 12.44 22.94 -0.80
N ASP A 34 11.35 23.40 -1.43
CA ASP A 34 10.47 22.54 -2.19
C ASP A 34 11.01 22.42 -3.61
N LEU A 35 11.49 21.24 -3.95
CA LEU A 35 12.08 21.00 -5.25
C LEU A 35 11.09 20.94 -6.42
N ALA A 36 9.79 20.98 -6.15
CA ALA A 36 8.82 21.21 -7.21
C ALA A 36 8.80 22.63 -7.75
N ASP A 37 9.39 23.56 -7.01
CA ASP A 37 9.46 24.98 -7.39
C ASP A 37 10.66 25.18 -8.32
N PRO A 38 10.39 25.59 -9.58
CA PRO A 38 11.52 25.81 -10.47
C PRO A 38 12.61 26.77 -9.94
N ALA A 39 12.25 27.68 -9.04
CA ALA A 39 13.25 28.59 -8.48
C ALA A 39 14.40 27.86 -7.81
N HIS A 40 14.18 26.62 -7.38
CA HIS A 40 15.19 25.82 -6.67
C HIS A 40 15.95 24.81 -7.50
N GLN A 41 15.83 24.86 -8.83
CA GLN A 41 16.39 23.82 -9.68
C GLN A 41 17.91 23.79 -9.74
N GLU A 42 18.56 24.86 -9.33
CA GLU A 42 20.02 24.95 -9.34
C GLU A 42 20.64 25.10 -7.95
N ARG A 43 19.82 25.20 -6.94
CA ARG A 43 20.28 25.45 -5.56
C ARG A 43 21.22 24.31 -5.19
N ASP A 44 22.42 24.64 -4.72
CA ASP A 44 23.27 23.60 -4.16
C ASP A 44 22.68 23.13 -2.82
N LEU A 45 22.64 21.82 -2.61
CA LEU A 45 22.00 21.27 -1.45
C LEU A 45 22.96 20.64 -0.45
N SER A 46 24.25 20.96 -0.56
CA SER A 46 25.20 20.52 0.44
C SER A 46 24.94 21.17 1.79
N GLY A 47 25.36 20.50 2.85
CA GLY A 47 25.21 21.00 4.20
C GLY A 47 23.82 20.94 4.79
N ILE A 48 22.89 20.32 4.08
CA ILE A 48 21.50 20.20 4.52
C ILE A 48 21.30 18.80 5.10
N ASP A 49 20.67 18.75 6.27
CA ASP A 49 20.59 17.52 7.07
C ASP A 49 19.41 16.61 6.76
N TYR A 50 18.30 17.16 6.24
CA TYR A 50 17.03 16.41 6.18
C TYR A 50 16.37 16.58 4.81
N ALA A 51 15.81 15.48 4.31
CA ALA A 51 15.02 15.48 3.06
C ALA A 51 13.82 14.58 3.24
N VAL A 52 12.68 15.01 2.71
CA VAL A 52 11.44 14.24 2.68
C VAL A 52 11.12 13.97 1.22
N VAL A 53 11.10 12.69 0.82
CA VAL A 53 11.22 12.34 -0.60
C VAL A 53 10.17 11.32 -1.01
N TRP A 54 9.68 11.46 -2.24
CA TRP A 54 8.80 10.49 -2.88
C TRP A 54 8.96 10.59 -4.38
N LYS A 55 9.41 9.50 -5.01
CA LYS A 55 9.64 9.45 -6.46
C LYS A 55 10.60 10.54 -6.92
N SER A 56 11.67 10.73 -6.14
N SER A 56 11.68 10.69 -6.15
CA SER A 56 12.59 11.83 -6.36
CA SER A 56 12.68 11.75 -6.33
C SER A 56 13.50 11.57 -7.58
N ALA A 57 14.09 12.66 -8.08
CA ALA A 57 14.90 12.60 -9.30
C ALA A 57 16.19 11.83 -9.04
N PRO A 58 16.72 11.12 -10.05
CA PRO A 58 17.92 10.29 -9.85
C PRO A 58 19.14 11.04 -9.28
N ASP A 59 19.27 12.34 -9.56
CA ASP A 59 20.42 13.10 -9.04
C ASP A 59 20.27 13.71 -7.62
N LEU A 60 19.15 13.44 -6.94
CA LEU A 60 18.93 14.13 -5.66
C LEU A 60 20.05 13.93 -4.66
N PHE A 61 20.49 12.69 -4.46
CA PHE A 61 21.52 12.48 -3.44
C PHE A 61 22.91 12.95 -3.85
N SER A 62 23.17 13.14 -5.15
CA SER A 62 24.46 13.76 -5.52
C SER A 62 24.45 15.28 -5.18
N ARG A 63 23.28 15.89 -5.27
CA ARG A 63 23.12 17.29 -4.86
C ARG A 63 23.11 17.54 -3.36
N ALA A 64 22.59 16.56 -2.63
CA ALA A 64 22.45 16.64 -1.18
C ALA A 64 23.26 15.56 -0.47
N PRO A 65 24.60 15.67 -0.51
CA PRO A 65 25.46 14.62 0.01
C PRO A 65 25.62 14.56 1.52
N ASP A 66 25.05 15.50 2.26
CA ASP A 66 25.33 15.62 3.69
C ASP A 66 24.10 15.33 4.54
N LEU A 67 23.14 14.65 3.93
CA LEU A 67 21.93 14.29 4.66
C LEU A 67 22.27 13.41 5.85
N LYS A 68 21.60 13.69 6.95
CA LYS A 68 21.75 12.93 8.21
C LYS A 68 20.57 11.97 8.44
N VAL A 69 19.40 12.33 7.89
CA VAL A 69 18.23 11.44 7.93
C VAL A 69 17.43 11.67 6.66
N VAL A 70 16.99 10.58 6.05
CA VAL A 70 16.12 10.58 4.90
C VAL A 70 14.74 10.14 5.34
N PHE A 71 13.72 10.90 4.96
CA PHE A 71 12.33 10.58 5.30
C PHE A 71 11.57 10.22 4.05
N SER A 72 11.01 9.03 4.01
CA SER A 72 10.09 8.68 2.92
C SER A 72 8.75 9.38 3.11
N GLY A 73 8.18 9.85 2.01
CA GLY A 73 6.81 10.36 2.02
C GLY A 73 5.72 9.31 2.10
N GLY A 74 6.09 8.04 2.03
CA GLY A 74 5.15 6.92 2.08
C GLY A 74 5.61 5.87 3.06
N ALA A 75 4.75 4.89 3.27
CA ALA A 75 5.07 3.74 4.13
C ALA A 75 6.04 2.80 3.48
N GLY A 76 5.97 2.73 2.16
CA GLY A 76 6.81 1.82 1.37
C GLY A 76 8.11 2.52 1.00
N VAL A 77 9.20 1.77 1.00
CA VAL A 77 10.50 2.35 0.70
C VAL A 77 11.23 1.64 -0.45
N ASP A 78 10.54 0.75 -1.16
CA ASP A 78 11.19 -0.03 -2.22
C ASP A 78 11.80 0.84 -3.33
N HIS A 79 11.15 1.95 -3.67
CA HIS A 79 11.76 2.89 -4.61
C HIS A 79 12.91 3.72 -4.05
N VAL A 80 12.77 4.32 -2.85
CA VAL A 80 13.83 5.17 -2.33
C VAL A 80 15.11 4.38 -2.10
N LEU A 81 14.94 3.09 -1.76
CA LEU A 81 16.14 2.23 -1.58
C LEU A 81 16.96 2.06 -2.83
N THR A 82 16.35 2.30 -3.99
CA THR A 82 17.05 2.16 -5.27
C THR A 82 17.69 3.43 -5.78
N LEU A 83 17.43 4.55 -5.10
CA LEU A 83 17.94 5.83 -5.59
C LEU A 83 19.45 5.90 -5.52
N PRO A 84 20.10 6.33 -6.63
CA PRO A 84 21.52 6.35 -6.61
C PRO A 84 22.06 7.28 -5.52
N GLY A 85 23.09 6.81 -4.86
CA GLY A 85 23.75 7.54 -3.81
C GLY A 85 22.96 7.64 -2.51
N LEU A 86 21.94 6.81 -2.31
CA LEU A 86 21.19 6.83 -1.03
C LEU A 86 22.19 6.75 0.11
N PRO A 87 22.16 7.76 1.02
CA PRO A 87 23.22 7.80 2.01
C PRO A 87 23.08 6.75 3.08
N ASP A 88 24.22 6.39 3.67
CA ASP A 88 24.31 5.41 4.73
C ASP A 88 23.93 6.04 6.07
N VAL A 89 22.68 6.46 6.19
CA VAL A 89 22.14 7.13 7.36
C VAL A 89 20.71 6.58 7.52
N PRO A 90 20.06 6.82 8.67
CA PRO A 90 18.73 6.26 8.85
C PRO A 90 17.73 6.72 7.81
N LEU A 91 16.96 5.76 7.32
CA LEU A 91 15.82 6.01 6.45
C LEU A 91 14.55 5.74 7.24
N VAL A 92 13.73 6.78 7.40
CA VAL A 92 12.54 6.74 8.23
C VAL A 92 11.33 6.65 7.31
N ARG A 93 10.49 5.62 7.49
CA ARG A 93 9.27 5.50 6.66
C ARG A 93 8.10 6.24 7.32
N PHE A 94 7.05 6.50 6.55
CA PHE A 94 5.86 7.17 7.08
C PHE A 94 4.90 6.16 7.69
N VAL A 95 4.62 6.34 8.98
CA VAL A 95 3.65 5.56 9.71
C VAL A 95 2.82 6.59 10.46
N ASP A 96 1.49 6.58 10.30
CA ASP A 96 0.66 7.61 10.90
C ASP A 96 -0.78 7.14 10.88
N ARG A 97 -1.55 7.55 11.90
CA ARG A 97 -2.96 7.21 11.97
C ARG A 97 -3.70 7.57 10.70
N THR A 98 -3.34 8.69 10.07
CA THR A 98 -4.06 9.11 8.83
C THR A 98 -3.84 8.12 7.69
N LEU A 99 -2.62 7.60 7.57
CA LEU A 99 -2.33 6.65 6.49
C LEU A 99 -3.04 5.32 6.75
N THR A 100 -2.95 4.85 7.99
CA THR A 100 -3.56 3.60 8.36
C THR A 100 -5.06 3.60 8.18
N THR A 101 -5.70 4.67 8.63
CA THR A 101 -7.16 4.74 8.57
C THR A 101 -7.64 4.76 7.11
N ARG A 102 -6.87 5.42 6.26
CA ARG A 102 -7.18 5.51 4.83
C ARG A 102 -7.07 4.14 4.14
N MET A 103 -6.01 3.40 4.45
CA MET A 103 -5.87 2.06 3.87
C MET A 103 -7.05 1.18 4.29
N SER A 104 -7.42 1.23 5.56
CA SER A 104 -8.51 0.41 6.03
C SER A 104 -9.83 0.75 5.36
N GLU A 105 -10.05 2.02 5.06
CA GLU A 105 -11.20 2.41 4.25
C GLU A 105 -11.21 1.69 2.91
N TRP A 106 -10.07 1.72 2.23
CA TRP A 106 -10.01 1.14 0.89
C TRP A 106 -10.20 -0.40 0.95
N VAL A 107 -9.56 -1.05 1.91
CA VAL A 107 -9.68 -2.49 2.06
C VAL A 107 -11.13 -2.88 2.38
N MET A 108 -11.73 -2.17 3.32
CA MET A 108 -13.13 -2.41 3.67
C MET A 108 -14.01 -2.22 2.45
N MET A 109 -13.78 -1.15 1.69
CA MET A 109 -14.60 -0.92 0.50
C MET A 109 -14.51 -2.09 -0.48
N GLN A 110 -13.30 -2.59 -0.72
CA GLN A 110 -13.17 -3.69 -1.68
C GLN A 110 -13.86 -4.95 -1.16
N CYS A 111 -13.66 -5.26 0.12
CA CYS A 111 -14.30 -6.47 0.65
C CYS A 111 -15.84 -6.35 0.56
N LEU A 112 -16.40 -5.17 0.81
CA LEU A 112 -17.83 -4.98 0.68
C LEU A 112 -18.32 -5.01 -0.75
N LEU A 113 -17.57 -4.39 -1.65
CA LEU A 113 -17.93 -4.41 -3.09
C LEU A 113 -18.02 -5.84 -3.59
N HIS A 114 -17.05 -6.67 -3.23
CA HIS A 114 -17.09 -8.08 -3.64
C HIS A 114 -18.15 -8.90 -2.91
N LEU A 115 -18.26 -8.72 -1.59
CA LEU A 115 -19.28 -9.42 -0.81
C LEU A 115 -20.68 -9.13 -1.33
N ARG A 116 -20.94 -7.86 -1.53
CA ARG A 116 -22.28 -7.40 -1.87
C ARG A 116 -22.57 -7.37 -3.40
N GLN A 117 -21.72 -8.04 -4.16
CA GLN A 117 -21.99 -8.34 -5.58
C GLN A 117 -22.29 -7.06 -6.35
N HIS A 118 -21.47 -6.06 -6.07
CA HIS A 118 -21.70 -4.73 -6.65
C HIS A 118 -21.68 -4.75 -8.16
N ARG A 119 -20.71 -5.44 -8.76
CA ARG A 119 -20.65 -5.49 -10.22
C ARG A 119 -21.88 -6.18 -10.86
N ALA A 120 -22.37 -7.25 -10.24
CA ALA A 120 -23.61 -7.89 -10.69
C ALA A 120 -24.79 -6.95 -10.65
N TYR A 121 -24.95 -6.22 -9.54
CA TYR A 121 -26.04 -5.27 -9.42
C TYR A 121 -25.89 -4.09 -10.37
N GLU A 122 -24.65 -3.68 -10.65
CA GLU A 122 -24.42 -2.64 -11.65
C GLU A 122 -24.76 -3.13 -13.07
N ALA A 123 -24.44 -4.40 -13.36
CA ALA A 123 -24.78 -4.98 -14.68
C ALA A 123 -26.30 -5.06 -14.84
N LEU A 124 -26.98 -5.43 -13.77
CA LEU A 124 -28.45 -5.44 -13.77
C LEU A 124 -29.01 -4.02 -13.98
N ALA A 125 -28.44 -3.05 -13.28
CA ALA A 125 -28.88 -1.67 -13.42
C ALA A 125 -28.68 -1.15 -14.87
N LYS A 126 -27.57 -1.52 -15.51
CA LYS A 126 -27.33 -1.14 -16.90
C LYS A 126 -28.44 -1.66 -17.84
N LYS A 127 -29.01 -2.82 -17.53
CA LYS A 127 -30.12 -3.39 -18.29
C LYS A 127 -31.48 -2.90 -17.81
N HIS A 128 -31.50 -2.02 -16.82
CA HIS A 128 -32.72 -1.55 -16.15
C HIS A 128 -33.55 -2.72 -15.59
N GLU A 129 -32.85 -3.70 -15.04
CA GLU A 129 -33.43 -4.94 -14.57
C GLU A 129 -33.39 -4.99 -13.05
N TRP A 130 -34.57 -5.09 -12.43
CA TRP A 130 -34.67 -5.26 -10.98
C TRP A 130 -34.61 -6.74 -10.68
N ARG A 131 -33.56 -7.17 -9.99
CA ARG A 131 -33.43 -8.55 -9.60
C ARG A 131 -32.64 -8.69 -8.32
N ASP A 132 -33.27 -9.26 -7.30
CA ASP A 132 -32.60 -9.55 -6.03
CA ASP A 132 -32.57 -9.52 -6.05
C ASP A 132 -31.78 -10.82 -6.18
N LEU A 133 -30.55 -10.80 -5.67
CA LEU A 133 -29.67 -11.96 -5.71
C LEU A 133 -29.53 -12.56 -4.33
N SER A 134 -29.36 -13.87 -4.27
CA SER A 134 -29.06 -14.52 -3.01
CA SER A 134 -29.04 -14.54 -3.03
C SER A 134 -27.76 -13.93 -2.47
N GLN A 135 -27.73 -13.66 -1.15
CA GLN A 135 -26.68 -12.83 -0.59
C GLN A 135 -26.11 -13.37 0.72
N PRO A 136 -24.83 -13.73 0.72
CA PRO A 136 -24.18 -14.09 1.99
C PRO A 136 -23.96 -12.89 2.89
N GLU A 137 -23.81 -13.14 4.18
CA GLU A 137 -23.40 -12.08 5.09
C GLU A 137 -21.87 -12.14 5.20
N ALA A 138 -21.29 -11.08 5.76
CA ALA A 138 -19.83 -11.04 5.90
C ALA A 138 -19.22 -12.25 6.62
N ALA A 139 -19.92 -12.73 7.65
CA ALA A 139 -19.44 -13.87 8.43
C ALA A 139 -19.31 -15.17 7.62
N ASP A 140 -19.95 -15.23 6.47
CA ASP A 140 -19.84 -16.37 5.53
C ASP A 140 -18.56 -16.36 4.69
N VAL A 141 -17.79 -15.27 4.77
CA VAL A 141 -16.57 -15.06 3.96
C VAL A 141 -15.36 -14.95 4.89
N THR A 142 -14.31 -15.68 4.53
CA THR A 142 -13.03 -15.54 5.22
C THR A 142 -12.12 -14.64 4.39
N VAL A 143 -11.75 -13.52 4.99
CA VAL A 143 -10.74 -12.61 4.40
C VAL A 143 -9.40 -13.01 4.98
N GLY A 144 -8.45 -13.25 4.10
CA GLY A 144 -7.11 -13.63 4.51
C GLY A 144 -6.16 -12.51 4.10
N ILE A 145 -5.43 -11.95 5.06
CA ILE A 145 -4.54 -10.82 4.78
C ILE A 145 -3.10 -11.28 4.84
N MET A 146 -2.38 -11.11 3.73
CA MET A 146 -0.94 -11.34 3.68
C MET A 146 -0.23 -10.01 3.97
N GLY A 147 0.51 -9.99 5.09
CA GLY A 147 1.13 -8.79 5.64
C GLY A 147 0.39 -8.34 6.88
N MET A 148 0.97 -8.58 8.04
CA MET A 148 0.34 -8.32 9.35
CA MET A 148 0.28 -8.24 9.31
C MET A 148 1.10 -7.22 10.07
N GLY A 149 1.40 -6.14 9.37
CA GLY A 149 2.10 -5.02 9.93
C GLY A 149 1.13 -3.92 10.34
N VAL A 150 1.58 -2.69 10.24
CA VAL A 150 0.74 -1.56 10.65
C VAL A 150 -0.58 -1.59 9.89
N LEU A 151 -0.51 -1.76 8.57
CA LEU A 151 -1.72 -1.68 7.73
C LEU A 151 -2.55 -2.95 7.83
N GLY A 152 -1.89 -4.11 7.73
CA GLY A 152 -2.59 -5.38 7.82
C GLY A 152 -3.33 -5.57 9.13
N GLN A 153 -2.71 -5.19 10.23
CA GLN A 153 -3.39 -5.36 11.53
C GLN A 153 -4.65 -4.49 11.66
N ASP A 154 -4.55 -3.23 11.26
CA ASP A 154 -5.68 -2.33 11.36
C ASP A 154 -6.81 -2.80 10.47
N ALA A 155 -6.50 -3.19 9.23
CA ALA A 155 -7.52 -3.69 8.31
C ALA A 155 -8.16 -4.96 8.88
N ALA A 156 -7.36 -5.87 9.42
CA ALA A 156 -7.91 -7.12 10.00
C ALA A 156 -8.93 -6.82 11.10
N ARG A 157 -8.56 -5.91 12.02
CA ARG A 157 -9.44 -5.61 13.16
C ARG A 157 -10.75 -5.00 12.67
N LYS A 158 -10.64 -4.06 11.71
CA LYS A 158 -11.83 -3.42 11.19
C LYS A 158 -12.74 -4.35 10.41
N LEU A 159 -12.16 -5.21 9.58
CA LEU A 159 -12.95 -6.20 8.87
C LEU A 159 -13.68 -7.13 9.84
N ALA A 160 -12.99 -7.58 10.87
CA ALA A 160 -13.61 -8.46 11.87
C ALA A 160 -14.78 -7.76 12.55
N ALA A 161 -14.63 -6.47 12.85
CA ALA A 161 -15.69 -5.71 13.51
C ALA A 161 -16.93 -5.55 12.64
N MET A 162 -16.75 -5.58 11.33
CA MET A 162 -17.88 -5.51 10.40
C MET A 162 -18.52 -6.87 10.13
N GLY A 163 -17.93 -7.93 10.65
CA GLY A 163 -18.52 -9.27 10.63
C GLY A 163 -17.76 -10.31 9.81
N PHE A 164 -16.75 -9.91 9.02
CA PHE A 164 -15.98 -10.89 8.28
C PHE A 164 -15.23 -11.83 9.22
N LYS A 165 -15.06 -13.07 8.77
CA LYS A 165 -14.05 -13.94 9.38
C LYS A 165 -12.73 -13.49 8.83
N VAL A 166 -11.74 -13.32 9.68
CA VAL A 166 -10.46 -12.78 9.24
C VAL A 166 -9.32 -13.62 9.76
N ILE A 167 -8.39 -13.93 8.87
CA ILE A 167 -7.14 -14.57 9.26
C ILE A 167 -5.99 -13.81 8.62
N GLY A 168 -4.79 -13.99 9.19
CA GLY A 168 -3.61 -13.25 8.73
C GLY A 168 -2.40 -14.13 8.53
N TRP A 169 -1.50 -13.66 7.67
CA TRP A 169 -0.24 -14.36 7.41
C TRP A 169 0.89 -13.35 7.32
N SER A 170 2.03 -13.74 7.89
CA SER A 170 3.27 -12.95 7.73
C SER A 170 4.42 -13.87 8.04
N ARG A 171 5.64 -13.34 8.00
CA ARG A 171 6.81 -14.21 8.18
C ARG A 171 6.85 -14.80 9.57
N SER A 172 6.75 -13.94 10.57
CA SER A 172 6.61 -14.38 11.94
C SER A 172 5.13 -14.34 12.30
N LYS A 173 4.73 -15.16 13.28
CA LYS A 173 3.35 -15.19 13.76
C LYS A 173 3.07 -14.00 14.69
N ARG A 174 1.96 -13.30 14.44
CA ARG A 174 1.57 -12.12 15.22
C ARG A 174 0.38 -12.47 16.11
N VAL A 175 0.33 -11.92 17.31
CA VAL A 175 -0.76 -12.18 18.26
C VAL A 175 -1.78 -11.05 18.20
N ILE A 176 -2.97 -11.34 17.67
CA ILE A 176 -4.01 -10.32 17.43
C ILE A 176 -5.36 -10.87 17.87
N GLU A 177 -6.03 -10.19 18.80
CA GLU A 177 -7.30 -10.67 19.34
C GLU A 177 -8.36 -10.74 18.22
N GLY A 178 -9.07 -11.87 18.16
CA GLY A 178 -10.14 -12.08 17.17
C GLY A 178 -9.69 -12.40 15.74
N VAL A 179 -8.38 -12.57 15.55
CA VAL A 179 -7.79 -12.84 14.24
C VAL A 179 -6.73 -13.94 14.39
N GLU A 180 -7.02 -15.12 13.86
CA GLU A 180 -6.06 -16.21 13.85
C GLU A 180 -4.97 -15.83 12.86
N THR A 181 -3.73 -16.03 13.25
CA THR A 181 -2.61 -15.74 12.37
C THR A 181 -1.72 -16.95 12.13
N TYR A 182 -1.01 -16.90 11.01
CA TYR A 182 -0.14 -17.95 10.53
C TYR A 182 1.23 -17.37 10.27
N ASP A 183 2.28 -18.17 10.50
CA ASP A 183 3.64 -17.79 10.13
C ASP A 183 3.98 -18.26 8.72
N ALA A 184 5.22 -18.05 8.27
CA ALA A 184 5.61 -18.32 6.89
C ALA A 184 5.22 -19.72 6.44
N ALA A 185 5.57 -20.73 7.25
CA ALA A 185 5.31 -22.13 6.89
C ALA A 185 3.82 -22.49 6.82
N GLY A 186 2.97 -21.69 7.46
CA GLY A 186 1.52 -21.87 7.40
C GLY A 186 0.84 -21.32 6.17
N LEU A 187 1.60 -20.85 5.18
CA LEU A 187 1.00 -20.20 4.00
C LEU A 187 -0.09 -21.05 3.34
N ASP A 188 0.24 -22.31 3.05
CA ASP A 188 -0.73 -23.15 2.33
C ASP A 188 -2.02 -23.41 3.10
N ALA A 189 -1.93 -23.60 4.42
CA ALA A 189 -3.12 -23.78 5.24
C ALA A 189 -3.96 -22.50 5.24
N PHE A 190 -3.28 -21.37 5.38
CA PHE A 190 -3.90 -20.05 5.30
C PHE A 190 -4.62 -19.82 3.97
N LEU A 191 -3.95 -20.10 2.86
CA LEU A 191 -4.57 -19.90 1.53
C LEU A 191 -5.81 -20.75 1.35
N GLY A 192 -5.75 -22.02 1.79
CA GLY A 192 -6.87 -22.94 1.61
C GLY A 192 -8.13 -22.55 2.35
N ARG A 193 -7.99 -21.69 3.37
CA ARG A 193 -9.13 -21.15 4.11
C ARG A 193 -9.64 -19.80 3.58
N THR A 194 -8.91 -19.17 2.66
CA THR A 194 -9.15 -17.80 2.29
C THR A 194 -10.06 -17.69 1.08
N ASP A 195 -11.15 -16.94 1.25
CA ASP A 195 -12.05 -16.59 0.13
C ASP A 195 -11.67 -15.28 -0.56
N PHE A 196 -11.40 -14.25 0.24
CA PHE A 196 -10.93 -12.95 -0.27
C PHE A 196 -9.50 -12.77 0.23
N LEU A 197 -8.54 -12.77 -0.70
CA LEU A 197 -7.13 -12.57 -0.37
C LEU A 197 -6.80 -11.10 -0.47
N VAL A 198 -6.24 -10.52 0.59
CA VAL A 198 -5.83 -9.12 0.62
C VAL A 198 -4.32 -9.05 0.80
N GLY A 199 -3.65 -8.40 -0.15
CA GLY A 199 -2.23 -8.16 -0.09
C GLY A 199 -1.87 -6.80 0.50
N LEU A 200 -1.17 -6.82 1.63
CA LEU A 200 -0.61 -5.64 2.28
C LEU A 200 0.84 -5.88 2.68
N LEU A 201 1.59 -6.45 1.74
CA LEU A 201 3.02 -6.72 1.89
C LEU A 201 3.83 -5.59 1.24
N PRO A 202 5.02 -5.31 1.78
CA PRO A 202 6.00 -4.51 1.04
C PRO A 202 6.49 -5.28 -0.18
N LEU A 203 7.03 -4.54 -1.16
CA LEU A 203 7.84 -5.14 -2.22
C LEU A 203 9.24 -5.30 -1.70
N THR A 204 9.71 -6.54 -1.69
CA THR A 204 11.10 -6.86 -1.41
C THR A 204 11.51 -7.95 -2.40
N PRO A 205 12.80 -8.27 -2.42
CA PRO A 205 13.17 -9.39 -3.28
C PRO A 205 12.43 -10.70 -2.93
N ASP A 206 12.11 -10.88 -1.67
CA ASP A 206 11.40 -12.07 -1.23
C ASP A 206 9.90 -12.04 -1.53
N THR A 207 9.30 -10.88 -1.78
CA THR A 207 7.87 -10.83 -2.12
C THR A 207 7.62 -10.57 -3.60
N ARG A 208 8.68 -10.50 -4.38
CA ARG A 208 8.51 -10.25 -5.81
C ARG A 208 7.80 -11.43 -6.47
N GLY A 209 6.72 -11.15 -7.21
CA GLY A 209 5.98 -12.19 -7.91
C GLY A 209 5.32 -13.28 -7.06
N ILE A 210 5.06 -12.99 -5.79
CA ILE A 210 4.48 -13.94 -4.87
C ILE A 210 3.01 -14.25 -5.23
N PHE A 211 2.30 -13.28 -5.77
CA PHE A 211 0.89 -13.49 -6.12
C PHE A 211 0.83 -13.97 -7.57
N ASN A 212 0.87 -15.28 -7.73
CA ASN A 212 0.95 -15.94 -9.04
C ASN A 212 -0.11 -17.06 -9.15
N ALA A 213 -0.19 -17.67 -10.33
CA ALA A 213 -1.26 -18.63 -10.60
C ALA A 213 -1.25 -19.80 -9.61
N ALA A 214 -0.08 -20.28 -9.24
CA ALA A 214 0.01 -21.37 -8.26
C ALA A 214 -0.61 -20.98 -6.92
N LEU A 215 -0.38 -19.74 -6.50
CA LEU A 215 -0.97 -19.24 -5.25
C LEU A 215 -2.46 -19.09 -5.36
N PHE A 216 -2.96 -18.49 -6.45
CA PHE A 216 -4.41 -18.32 -6.63
C PHE A 216 -5.15 -19.67 -6.65
N ALA A 217 -4.51 -20.70 -7.23
CA ALA A 217 -5.05 -22.06 -7.25
C ALA A 217 -5.19 -22.74 -5.87
N LYS A 218 -4.48 -22.22 -4.87
CA LYS A 218 -4.56 -22.73 -3.51
C LYS A 218 -5.62 -22.04 -2.66
N LEU A 219 -6.19 -20.94 -3.15
CA LEU A 219 -7.26 -20.23 -2.42
C LEU A 219 -8.52 -21.08 -2.34
N SER A 220 -9.33 -20.81 -1.34
CA SER A 220 -10.55 -21.57 -1.15
C SER A 220 -11.55 -21.45 -2.29
N ARG A 221 -12.14 -22.58 -2.66
CA ARG A 221 -13.32 -22.60 -3.54
C ARG A 221 -14.58 -22.96 -2.78
N ASN A 222 -14.50 -23.01 -1.46
CA ASN A 222 -15.58 -23.45 -0.59
C ASN A 222 -16.45 -22.32 -0.07
N GLY A 223 -16.15 -21.08 -0.46
CA GLY A 223 -16.88 -19.93 0.02
C GLY A 223 -18.17 -19.76 -0.75
N PRO A 224 -18.94 -18.72 -0.40
CA PRO A 224 -20.31 -18.59 -0.93
C PRO A 224 -20.38 -18.31 -2.43
N PHE A 225 -19.29 -17.84 -3.03
CA PHE A 225 -19.26 -17.57 -4.45
C PHE A 225 -18.59 -18.70 -5.25
N GLY A 226 -18.02 -19.67 -4.56
CA GLY A 226 -17.36 -20.80 -5.23
C GLY A 226 -16.04 -20.50 -5.91
N ALA A 227 -15.52 -19.29 -5.73
CA ALA A 227 -14.30 -18.86 -6.37
C ALA A 227 -13.74 -17.69 -5.55
N PRO A 228 -12.43 -17.65 -5.38
CA PRO A 228 -11.84 -16.59 -4.57
C PRO A 228 -11.68 -15.26 -5.32
N VAL A 229 -11.44 -14.20 -4.55
CA VAL A 229 -11.13 -12.85 -5.01
C VAL A 229 -9.73 -12.43 -4.55
N PHE A 230 -9.04 -11.68 -5.40
CA PHE A 230 -7.71 -11.15 -5.09
C PHE A 230 -7.75 -9.64 -5.00
N ILE A 231 -7.26 -9.12 -3.87
CA ILE A 231 -7.27 -7.68 -3.60
C ILE A 231 -5.86 -7.27 -3.23
N ASN A 232 -5.25 -6.40 -4.02
CA ASN A 232 -3.87 -5.98 -3.71
C ASN A 232 -3.70 -4.48 -3.60
N ALA A 233 -3.21 -4.03 -2.45
CA ALA A 233 -2.81 -2.63 -2.27
C ALA A 233 -1.44 -2.50 -1.67
N GLY A 234 -0.62 -3.53 -1.81
CA GLY A 234 0.77 -3.49 -1.39
C GLY A 234 1.63 -2.86 -2.46
N ARG A 235 2.22 -3.70 -3.30
CA ARG A 235 2.98 -3.23 -4.45
C ARG A 235 2.73 -4.12 -5.64
N GLY A 236 2.75 -3.49 -6.82
CA GLY A 236 2.55 -4.21 -8.06
C GLY A 236 3.58 -5.25 -8.39
N GLY A 237 4.82 -5.01 -7.98
CA GLY A 237 5.88 -5.97 -8.24
C GLY A 237 5.71 -7.31 -7.54
N SER A 238 4.81 -7.37 -6.54
CA SER A 238 4.50 -8.62 -5.86
C SER A 238 3.55 -9.52 -6.64
N GLN A 239 2.94 -9.03 -7.72
CA GLN A 239 1.99 -9.83 -8.46
C GLN A 239 2.44 -10.12 -9.87
N VAL A 240 1.91 -11.21 -10.42
CA VAL A 240 2.18 -11.60 -11.80
C VAL A 240 0.89 -11.34 -12.58
N GLU A 241 0.84 -10.20 -13.24
CA GLU A 241 -0.40 -9.79 -13.93
C GLU A 241 -0.83 -10.73 -15.03
N ALA A 242 0.12 -11.34 -15.73
CA ALA A 242 -0.25 -12.34 -16.74
C ALA A 242 -1.10 -13.46 -16.10
N ASP A 243 -0.74 -13.85 -14.88
CA ASP A 243 -1.43 -14.92 -14.16
C ASP A 243 -2.78 -14.46 -13.63
N ILE A 244 -2.84 -13.23 -13.13
CA ILE A 244 -4.12 -12.66 -12.69
C ILE A 244 -5.12 -12.71 -13.84
N LEU A 245 -4.69 -12.23 -15.00
CA LEU A 245 -5.56 -12.21 -16.18
C LEU A 245 -6.00 -13.62 -16.62
N GLU A 246 -5.06 -14.57 -16.69
CA GLU A 246 -5.37 -15.96 -17.01
C GLU A 246 -6.40 -16.55 -16.04
N CYS A 247 -6.21 -16.25 -14.76
CA CYS A 247 -7.09 -16.79 -13.73
C CYS A 247 -8.46 -16.13 -13.71
N LEU A 248 -8.55 -14.84 -14.03
CA LEU A 248 -9.84 -14.21 -14.21
C LEU A 248 -10.58 -14.78 -15.42
N ASP A 249 -9.84 -14.97 -16.51
CA ASP A 249 -10.44 -15.54 -17.74
C ASP A 249 -11.01 -16.94 -17.51
N SER A 250 -10.32 -17.75 -16.74
CA SER A 250 -10.72 -19.14 -16.53
C SER A 250 -11.71 -19.30 -15.40
N GLY A 251 -11.81 -18.30 -14.51
CA GLY A 251 -12.66 -18.37 -13.36
C GLY A 251 -11.98 -18.86 -12.09
N VAL A 252 -10.68 -19.14 -12.15
CA VAL A 252 -9.90 -19.48 -10.96
C VAL A 252 -9.98 -18.32 -9.96
N LEU A 253 -9.91 -17.08 -10.46
CA LEU A 253 -10.29 -15.91 -9.68
C LEU A 253 -11.64 -15.41 -10.14
N GLY A 254 -12.52 -15.14 -9.18
CA GLY A 254 -13.86 -14.65 -9.49
C GLY A 254 -13.89 -13.15 -9.69
N GLY A 255 -12.87 -12.47 -9.19
CA GLY A 255 -12.76 -11.03 -9.33
C GLY A 255 -11.53 -10.53 -8.66
N ALA A 256 -11.26 -9.22 -8.81
CA ALA A 256 -10.10 -8.61 -8.20
C ALA A 256 -10.30 -7.12 -7.96
N SER A 257 -9.57 -6.61 -6.97
CA SER A 257 -9.40 -5.16 -6.77
C SER A 257 -7.91 -4.89 -6.78
N LEU A 258 -7.47 -4.09 -7.75
CA LEU A 258 -6.03 -3.77 -7.88
C LEU A 258 -5.84 -2.28 -7.77
N ASP A 259 -5.06 -1.87 -6.77
CA ASP A 259 -4.63 -0.48 -6.60
C ASP A 259 -3.22 -0.25 -7.10
N VAL A 260 -2.49 -1.35 -7.32
CA VAL A 260 -1.04 -1.31 -7.62
C VAL A 260 -0.75 -2.26 -8.77
N PHE A 261 0.25 -1.91 -9.57
CA PHE A 261 0.55 -2.59 -10.82
C PHE A 261 2.05 -2.73 -11.04
N GLU A 262 2.41 -3.76 -11.78
CA GLU A 262 3.83 -4.05 -12.07
C GLU A 262 4.53 -2.85 -12.71
N ARG A 263 3.82 -2.12 -13.58
CA ARG A 263 4.34 -0.91 -14.19
C ARG A 263 3.28 0.18 -14.05
N GLU A 264 3.60 1.23 -13.30
CA GLU A 264 2.68 2.34 -13.08
C GLU A 264 3.24 3.60 -13.74
N PRO A 265 2.40 4.47 -14.28
CA PRO A 265 0.95 4.29 -14.36
C PRO A 265 0.57 3.15 -15.28
N LEU A 266 -0.57 2.53 -15.00
CA LEU A 266 -1.02 1.38 -15.75
C LEU A 266 -1.21 1.78 -17.21
N SER A 267 -0.64 0.97 -18.12
CA SER A 267 -0.75 1.25 -19.53
C SER A 267 -2.20 1.47 -19.95
N PRO A 268 -2.46 2.46 -20.81
CA PRO A 268 -3.81 2.57 -21.39
C PRO A 268 -4.26 1.34 -22.17
N GLU A 269 -3.30 0.51 -22.61
CA GLU A 269 -3.64 -0.69 -23.39
CA GLU A 269 -3.60 -0.71 -23.40
C GLU A 269 -3.94 -1.91 -22.50
N SER A 270 -3.85 -1.76 -21.18
CA SER A 270 -4.08 -2.88 -20.26
C SER A 270 -5.50 -3.41 -20.36
N ARG A 271 -5.65 -4.73 -20.32
CA ARG A 271 -6.96 -5.33 -20.20
C ARG A 271 -7.69 -4.99 -18.90
N PHE A 272 -6.96 -4.62 -17.85
CA PHE A 272 -7.58 -4.48 -16.54
C PHE A 272 -8.67 -3.40 -16.52
N TRP A 273 -8.50 -2.34 -17.32
CA TRP A 273 -9.46 -1.24 -17.32
C TRP A 273 -10.89 -1.67 -17.64
N ASP A 274 -11.04 -2.65 -18.52
CA ASP A 274 -12.34 -3.05 -19.05
C ASP A 274 -12.87 -4.38 -18.52
N MET A 275 -12.23 -4.98 -17.53
CA MET A 275 -12.67 -6.29 -17.13
CA MET A 275 -12.59 -6.34 -17.06
C MET A 275 -13.82 -6.23 -16.16
N PRO A 276 -14.81 -7.12 -16.38
CA PRO A 276 -16.07 -6.94 -15.67
C PRO A 276 -16.02 -7.13 -14.15
N ASN A 277 -15.07 -7.90 -13.63
CA ASN A 277 -15.00 -8.09 -12.17
C ASN A 277 -13.65 -7.64 -11.60
N VAL A 278 -13.04 -6.63 -12.23
CA VAL A 278 -11.84 -5.98 -11.71
C VAL A 278 -12.11 -4.53 -11.42
N TYR A 279 -11.76 -4.10 -10.21
CA TYR A 279 -11.78 -2.70 -9.83
C TYR A 279 -10.38 -2.12 -9.87
N VAL A 280 -10.18 -1.11 -10.68
CA VAL A 280 -8.85 -0.46 -10.80
C VAL A 280 -8.89 0.90 -10.12
N THR A 281 -7.93 1.14 -9.23
CA THR A 281 -7.67 2.45 -8.69
C THR A 281 -6.21 2.81 -8.89
N PRO A 282 -5.92 4.12 -9.07
CA PRO A 282 -4.56 4.51 -9.52
C PRO A 282 -3.57 4.75 -8.38
N HIS A 283 -3.32 3.70 -7.61
CA HIS A 283 -2.41 3.76 -6.48
C HIS A 283 -2.78 4.88 -5.51
N VAL A 284 -4.02 4.79 -5.06
CA VAL A 284 -4.65 5.74 -4.14
C VAL A 284 -5.27 5.07 -2.90
N ALA A 285 -4.88 3.82 -2.58
CA ALA A 285 -5.55 3.13 -1.48
C ALA A 285 -5.34 3.92 -0.17
N ALA A 286 -4.13 4.44 0.04
CA ALA A 286 -3.91 5.30 1.21
C ALA A 286 -3.00 6.43 0.83
N SER A 287 -3.61 7.58 0.55
CA SER A 287 -2.84 8.80 0.18
C SER A 287 -2.12 9.33 1.41
N SER A 288 -0.95 9.94 1.20
CA SER A 288 -0.24 10.58 2.31
C SER A 288 -0.82 12.00 2.54
N ASP A 289 -1.33 12.22 3.74
CA ASP A 289 -1.77 13.53 4.21
C ASP A 289 -0.51 14.33 4.44
N VAL A 290 -0.28 15.35 3.62
CA VAL A 290 1.01 16.04 3.62
C VAL A 290 1.18 16.81 4.92
N ARG A 291 0.11 17.39 5.45
CA ARG A 291 0.25 18.04 6.76
C ARG A 291 0.74 17.03 7.83
N ALA A 292 0.10 15.86 7.86
CA ALA A 292 0.45 14.83 8.83
C ALA A 292 1.89 14.31 8.61
N LEU A 293 2.28 14.16 7.36
CA LEU A 293 3.65 13.82 6.99
C LEU A 293 4.65 14.81 7.58
N PHE A 294 4.39 16.10 7.40
CA PHE A 294 5.30 17.12 7.92
C PHE A 294 5.33 17.15 9.46
N VAL A 295 4.18 16.93 10.10
CA VAL A 295 4.18 16.83 11.58
C VAL A 295 5.05 15.66 12.04
N HIS A 296 4.89 14.52 11.36
CA HIS A 296 5.70 13.31 11.62
C HIS A 296 7.20 13.59 11.45
N VAL A 297 7.56 14.24 10.35
CA VAL A 297 8.96 14.56 10.09
C VAL A 297 9.50 15.52 11.16
N GLU A 298 8.71 16.56 11.48
CA GLU A 298 9.09 17.50 12.55
C GLU A 298 9.38 16.79 13.87
N HIS A 299 8.51 15.84 14.21
CA HIS A 299 8.61 15.09 15.47
C HIS A 299 9.89 14.25 15.49
N GLN A 300 10.18 13.58 14.37
CA GLN A 300 11.39 12.76 14.27
C GLN A 300 12.67 13.59 14.28
N ILE A 301 12.65 14.73 13.58
CA ILE A 301 13.78 15.68 13.65
C ILE A 301 14.03 16.08 15.12
N ALA A 302 12.96 16.41 15.85
CA ALA A 302 13.13 16.86 17.24
C ALA A 302 13.72 15.75 18.11
N ARG A 303 13.25 14.52 17.90
CA ARG A 303 13.82 13.37 18.60
C ARG A 303 15.33 13.22 18.27
N PHE A 304 15.65 13.27 16.99
CA PHE A 304 17.02 13.10 16.50
C PHE A 304 17.95 14.11 17.14
N GLU A 305 17.55 15.38 17.11
CA GLU A 305 18.38 16.46 17.63
C GLU A 305 18.48 16.50 19.17
N SER A 306 17.54 15.85 19.85
CA SER A 306 17.59 15.69 21.31
C SER A 306 18.32 14.43 21.75
N GLY A 307 18.80 13.61 20.81
CA GLY A 307 19.53 12.39 21.14
C GLY A 307 18.65 11.19 21.41
N LEU A 308 17.38 11.25 21.04
CA LEU A 308 16.47 10.12 21.16
C LEU A 308 16.46 9.29 19.87
N PRO A 309 16.20 7.98 19.98
CA PRO A 309 16.19 7.13 18.79
C PRO A 309 15.09 7.52 17.81
N LEU A 310 15.42 7.53 16.53
CA LEU A 310 14.40 7.68 15.49
C LEU A 310 13.44 6.50 15.54
N GLU A 311 12.19 6.75 15.19
CA GLU A 311 11.15 5.72 15.09
C GLU A 311 10.89 5.40 13.63
N HIS A 312 10.44 4.16 13.37
CA HIS A 312 10.06 3.73 12.02
C HIS A 312 11.23 3.71 11.05
N VAL A 313 12.38 3.30 11.55
CA VAL A 313 13.57 3.22 10.72
C VAL A 313 13.58 1.88 9.98
N VAL A 314 13.82 1.94 8.67
CA VAL A 314 13.81 0.72 7.90
CA VAL A 314 13.88 0.81 7.75
C VAL A 314 15.14 -0.03 7.94
N ASP A 315 15.01 -1.35 7.77
CA ASP A 315 16.15 -2.27 7.64
C ASP A 315 16.43 -2.32 6.14
N LYS A 316 17.52 -1.69 5.69
CA LYS A 316 17.80 -1.56 4.25
CA LYS A 316 17.80 -1.57 4.25
C LYS A 316 18.12 -2.89 3.57
N VAL A 317 18.66 -3.83 4.32
CA VAL A 317 18.94 -5.18 3.80
C VAL A 317 17.64 -5.97 3.56
N ALA A 318 16.71 -5.88 4.50
CA ALA A 318 15.40 -6.54 4.39
C ALA A 318 14.48 -5.84 3.38
N GLY A 319 14.64 -4.53 3.24
CA GLY A 319 13.89 -3.72 2.29
C GLY A 319 12.62 -3.13 2.86
N TYR A 320 12.46 -3.17 4.18
CA TYR A 320 11.25 -2.60 4.81
C TYR A 320 11.48 -2.35 6.28
CL CL B . -13.06 -9.92 -14.50
C1 OXD C . 3.08 4.36 0.29
C2 OXD C . 2.41 4.42 -1.00
O3 OXD C . 2.72 5.11 1.23
O4 OXD C . 1.92 5.50 -1.38
O5 OXD C . 4.02 3.54 0.41
O6 OXD C . 2.34 3.41 -1.71
C1 OXD D . -19.71 1.37 -10.62
C2 OXD D . -19.08 0.08 -10.83
O3 OXD D . -19.75 2.18 -11.56
O4 OXD D . -18.33 -0.37 -9.94
O5 OXD D . -20.19 1.62 -9.49
O6 OXD D . -19.30 -0.55 -11.89
N1 EPE E . 28.08 19.05 8.94
C2 EPE E . 29.50 18.96 8.53
C3 EPE E . 29.74 19.80 7.27
N4 EPE E . 28.88 19.31 6.19
C5 EPE E . 27.46 19.39 6.58
C6 EPE E . 27.21 18.57 7.84
C7 EPE E . 29.12 20.00 4.90
C8 EPE E . 29.77 18.99 3.96
O8 EPE E . 29.70 19.38 2.56
C9 EPE E . 27.81 18.25 10.13
C1 GOL F . 4.94 -13.91 -16.74
O1 GOL F . 4.36 -14.19 -18.02
C2 GOL F . 6.12 -12.95 -16.89
O2 GOL F . 6.41 -12.35 -15.62
C3 GOL F . 5.86 -11.82 -17.87
O3 GOL F . 4.57 -11.23 -17.60
C1 GOL G . -18.94 -11.31 -6.44
O1 GOL G . -18.89 -9.88 -6.25
C2 GOL G . -17.57 -11.96 -6.22
O2 GOL G . -17.22 -12.95 -7.20
C3 GOL G . -16.52 -10.88 -6.29
O3 GOL G . -16.26 -10.26 -7.55
PA NDP H . 4.88 -3.07 7.88
O1A NDP H . 6.39 -3.10 7.77
O2A NDP H . 4.28 -2.56 9.14
O5B NDP H . 4.39 -4.56 7.65
C5B NDP H . 4.91 -5.42 6.66
C4B NDP H . 4.38 -6.81 6.92
O4B NDP H . 4.78 -7.63 5.83
C3B NDP H . 4.94 -7.46 8.19
O3B NDP H . 3.90 -8.24 8.77
C2B NDP H . 6.03 -8.36 7.65
O2B NDP H . 6.32 -9.51 8.43
C1B NDP H . 5.40 -8.79 6.34
N9A NDP H . 6.43 -9.31 5.43
C8A NDP H . 7.45 -8.67 4.81
N7A NDP H . 8.19 -9.46 4.06
C5A NDP H . 7.60 -10.69 4.20
C6A NDP H . 7.91 -11.96 3.67
N6A NDP H . 8.94 -12.17 2.83
N1A NDP H . 7.12 -13.01 4.02
C2A NDP H . 6.09 -12.80 4.85
N3A NDP H . 5.71 -11.64 5.42
C4A NDP H . 6.51 -10.62 5.04
O3 NDP H . 4.40 -2.25 6.56
PN NDP H . 2.99 -1.47 6.49
O1N NDP H . 1.88 -2.34 6.98
O2N NDP H . 3.13 -0.10 7.07
O5D NDP H . 2.94 -1.25 4.92
C5D NDP H . 2.86 -2.38 4.07
C4D NDP H . 3.06 -1.97 2.62
O4D NDP H . 1.88 -1.35 2.10
C3D NDP H . 4.14 -0.92 2.33
O3D NDP H . 5.44 -1.53 2.32
C2D NDP H . 3.77 -0.33 0.99
O2D NDP H . 4.42 -1.06 -0.08
C1D NDP H . 2.25 -0.61 0.94
N1N NDP H . 1.45 0.61 0.88
C2N NDP H . 0.64 0.89 -0.21
C3N NDP H . -0.12 2.01 -0.28
C7N NDP H . -1.11 2.26 -1.38
O7N NDP H . -1.56 3.42 -1.50
N7N NDP H . -1.47 1.29 -2.18
C4N NDP H . -0.06 3.00 0.82
C5N NDP H . 0.84 2.64 1.95
C6N NDP H . 1.51 1.50 1.97
P2B NDP H . 7.12 -9.38 9.82
O1X NDP H . 6.13 -8.75 10.75
O2X NDP H . 7.40 -10.84 10.14
O3X NDP H . 8.32 -8.56 9.56
#